data_1XUX
#
_entry.id   1XUX
#
_cell.length_a   27.057
_cell.length_b   44.606
_cell.length_c   44.106
_cell.angle_alpha   90.00
_cell.angle_beta   99.26
_cell.angle_gamma   90.00
#
_symmetry.space_group_name_H-M   'P 1 21 1'
#
loop_
_entity.id
_entity.type
_entity.pdbx_description
1 polymer "DNA (5'-D(*GP*CP*GP*TP*AP*(NMS)P*AP*CP*GP*C)-3')"
2 water water
#
_entity_poly.entity_id   1
_entity_poly.type   'polydeoxyribonucleotide'
_entity_poly.pdbx_seq_one_letter_code
;(DG)(DC)(DG)(DT)(DA)(NMS)(DA)(DC)(DG)(DC)
;
_entity_poly.pdbx_strand_id   A,B,C,D
#
loop_
_chem_comp.id
_chem_comp.type
_chem_comp.name
_chem_comp.formula
DA DNA linking 2'-DEOXYADENOSINE-5'-MONOPHOSPHATE 'C10 H14 N5 O6 P'
DC DNA linking 2'-DEOXYCYTIDINE-5'-MONOPHOSPHATE 'C9 H14 N3 O7 P'
DG DNA linking 2'-DEOXYGUANOSINE-5'-MONOPHOSPHATE 'C10 H14 N5 O7 P'
DT DNA linking THYMIDINE-5'-MONOPHOSPHATE 'C10 H15 N2 O8 P'
NMS DNA linking 1-(O2-(2-METHYLAMINO-2-OXO-ETHYL)-O5-HYDROXYPHOSPHINYL-BETA-D-RIBOFURANOSYL)THYMINE 'C13 H20 N3 O10 P'
#
# COMPACT_ATOMS: atom_id res chain seq x y z
P NMS A 6 12.59 -3.64 2.22
OP2 NMS A 6 11.46 -4.40 1.71
OP1 NMS A 6 13.96 -4.03 1.99
O5' NMS A 6 12.29 -3.50 3.75
N1 NMS A 6 9.42 -2.90 6.35
C6 NMS A 6 9.35 -3.30 5.05
C2 NMS A 6 8.34 -2.93 7.18
O2 NMS A 6 8.36 -2.59 8.34
N3 NMS A 6 7.17 -3.35 6.60
C4 NMS A 6 7.00 -3.75 5.30
O4 NMS A 6 5.92 -4.08 4.93
C5 NMS A 6 8.20 -3.70 4.49
C5M NMS A 6 8.14 -4.13 3.05
C2' NMS A 6 11.39 -3.54 7.63
C5' NMS A 6 13.20 -2.75 4.53
C4' NMS A 6 12.70 -2.82 5.95
O4' NMS A 6 11.50 -1.96 5.97
C1' NMS A 6 10.65 -2.46 7.02
C3' NMS A 6 12.18 -4.10 6.50
O3' NMS A 6 13.22 -4.95 6.92
O6' NMS A 6 12.09 -2.99 8.70
O6' NMS A 6 12.27 -3.03 8.59
C7' NMS A 6 11.10 -2.60 9.67
C7' NMS A 6 11.71 -2.79 9.86
C8' NMS A 6 11.54 -3.12 11.01
C8' NMS A 6 12.73 -3.12 10.91
O8' NMS A 6 10.92 -2.97 12.02
O8' NMS A 6 13.84 -3.54 10.71
N9' NMS A 6 12.72 -3.82 10.93
N9' NMS A 6 12.25 -2.93 12.19
C10 NMS A 6 13.25 -4.34 12.19
C10 NMS A 6 13.16 -3.20 13.31
P NMS B 6 0.08 1.33 12.81
OP2 NMS B 6 -0.57 1.35 11.50
OP1 NMS B 6 -0.39 2.12 13.94
O5' NMS B 6 1.60 1.72 12.55
N1 NMS B 6 4.36 0.70 10.01
C6 NMS B 6 3.01 0.54 9.89
C2 NMS B 6 5.21 0.49 8.93
O2 NMS B 6 6.42 0.64 9.02
N3 NMS B 6 4.57 0.11 7.79
C4 NMS B 6 3.22 -0.08 7.58
O4 NMS B 6 2.76 -0.44 6.49
C5 NMS B 6 2.41 0.17 8.75
C5M NMS B 6 0.93 -0.02 8.61
C2' NMS B 6 5.30 2.54 11.32
C5' NMS B 6 2.48 1.90 13.65
C4' NMS B 6 3.85 2.07 13.00
O4' NMS B 6 4.18 0.80 12.34
C1' NMS B 6 5.07 1.12 11.22
C3' NMS B 6 4.02 3.02 11.89
O3' NMS B 6 4.16 4.31 12.41
O6' NMS B 6 6.37 2.83 12.14
O6' NMS B 6 6.38 2.69 12.19
C7' NMS B 6 7.69 2.57 11.67
C7' NMS B 6 7.62 2.30 11.61
C8' NMS B 6 8.67 3.46 12.41
C8' NMS B 6 8.77 2.78 12.49
O8' NMS B 6 8.31 4.27 13.24
O8' NMS B 6 8.62 3.39 13.51
N9' NMS B 6 9.96 3.29 12.04
N9' NMS B 6 10.00 2.46 12.01
C10 NMS B 6 11.03 4.06 12.68
C10 NMS B 6 11.19 2.82 12.78
P NMS C 6 -1.74 -2.14 -11.60
OP2 NMS C 6 -1.38 -1.32 -12.75
OP1 NMS C 6 -1.08 -3.40 -11.33
O5' NMS C 6 -3.29 -2.33 -11.73
N1 NMS C 6 -6.55 -0.34 -12.48
C6 NMS C 6 -5.24 -0.07 -12.76
C2 NMS C 6 -7.61 0.36 -12.95
O2 NMS C 6 -8.79 0.13 -12.71
N3 NMS C 6 -7.21 1.40 -13.74
C4 NMS C 6 -5.96 1.79 -14.09
O4 NMS C 6 -5.80 2.75 -14.82
C5 NMS C 6 -4.90 0.96 -13.54
C5M NMS C 6 -3.50 1.32 -13.90
C2' NMS C 6 -7.23 -2.70 -12.33
C5' NMS C 6 -3.90 -3.17 -10.75
C4' NMS C 6 -5.39 -3.08 -11.00
O4' NMS C 6 -5.84 -1.72 -10.74
C1' NMS C 6 -6.97 -1.46 -11.62
C3' NMS C 6 -5.85 -3.29 -12.41
O3' NMS C 6 -5.84 -4.67 -12.73
O6' NMS C 6 -8.06 -3.56 -11.60
C7' NMS C 6 -9.40 -3.13 -11.39
C8' NMS C 6 -10.18 -4.08 -10.52
O8' NMS C 6 -11.33 -3.92 -10.22
N9' NMS C 6 -9.44 -5.15 -10.13
C10 NMS C 6 -10.02 -6.15 -9.23
P NMS D 6 -16.47 6.51 -13.52
OP2 NMS D 6 -15.45 7.54 -13.48
OP1 NMS D 6 -17.83 6.75 -13.16
O5' NMS D 6 -15.89 5.31 -12.61
N1 NMS D 6 -12.55 3.56 -11.58
C6 NMS D 6 -12.78 4.69 -12.31
C2 NMS D 6 -11.31 3.16 -11.20
O2 NMS D 6 -11.10 2.20 -10.56
N3 NMS D 6 -10.32 4.00 -11.64
C4 NMS D 6 -10.44 5.15 -12.37
O4 NMS D 6 -9.45 5.77 -12.67
C5 NMS D 6 -11.79 5.49 -12.74
C5M NMS D 6 -12.03 6.71 -13.52
C2' NMS D 6 -14.17 2.99 -9.82
C5' NMS D 6 -16.70 4.17 -12.29
C4' NMS D 6 -15.87 3.35 -11.32
O4' NMS D 6 -14.73 2.87 -12.07
C1' NMS D 6 -13.63 2.67 -11.11
C3' NMS D 6 -15.20 4.03 -10.17
O3' NMS D 6 -16.14 4.25 -9.15
O6' NMS D 6 -14.79 1.84 -9.31
C7' NMS D 6 -13.83 0.94 -8.76
C8' NMS D 6 -14.65 0.21 -7.71
O8' NMS D 6 -15.83 0.48 -7.51
N9' NMS D 6 -13.94 -0.70 -7.02
C10 NMS D 6 -12.52 -0.94 -7.35
#